data_5KF8
#
_entry.id   5KF8
#
_cell.length_a   119.267
_cell.length_b   44.406
_cell.length_c   74.419
_cell.angle_alpha   90.00
_cell.angle_beta   121.00
_cell.angle_gamma   90.00
#
_symmetry.space_group_name_H-M   'C 1 2 1'
#
loop_
_entity.id
_entity.type
_entity.pdbx_description
1 polymer 'Predicted acetyltransferase'
2 non-polymer 'ACETYL COENZYME *A'
3 non-polymer 1,2-ETHANEDIOL
4 non-polymer 2-amino-2-deoxy-beta-D-glucopyranose
5 non-polymer '3-[4-(2-HYDROXYETHYL)PIPERAZIN-1-YL]PROPANE-1-SULFONIC ACID'
6 non-polymer 'COENZYME A'
7 water water
#
_entity_poly.entity_id   1
_entity_poly.type   'polypeptide(L)'
_entity_poly.pdbx_seq_one_letter_code
;MEIKETYDFSSIVDLWNKNIGTVYPMNLELFKQNYINDRQRKKIMGAFNGEILIGFVIYKQWTYKSGSLKPNHKIGYINS
IIVDINFRHQGIGTKLLDAAEEELINSGVKILRCGSDTYHFFPGIPLECLPSEEFFLVRGYKMQDYFYDLIGDVSKVDFK
KPSIKDGFKVNVMKPEDRKGLFEFLEKSFSGRWLEEFIEFFQVGMKERDIVLIKYKTSVIGFSHIYDNKSSFIGPPIYWK
ALLGHNYGGLGPIGIDKTYRKQGLGRLLLYESLQILKKREVKKMVIDWTEKDIINFYGRFNFMPWKAYRKATKEVKDGKG
GGHHHHHH
;
_entity_poly.pdbx_strand_id   A
#
loop_
_chem_comp.id
_chem_comp.type
_chem_comp.name
_chem_comp.formula
ACO non-polymer 'ACETYL COENZYME *A' 'C23 H38 N7 O17 P3 S'
COA non-polymer 'COENZYME A' 'C21 H36 N7 O16 P3 S'
EDO non-polymer 1,2-ETHANEDIOL 'C2 H6 O2'
EP1 non-polymer '3-[4-(2-HYDROXYETHYL)PIPERAZIN-1-YL]PROPANE-1-SULFONIC ACID' 'C9 H20 N2 O4 S'
GCS D-saccharide, beta linking 2-amino-2-deoxy-beta-D-glucopyranose 'C6 H13 N O5'
#
# COMPACT_ATOMS: atom_id res chain seq x y z
N MET A 1 -29.40 -4.49 17.43
CA MET A 1 -28.31 -4.10 16.49
C MET A 1 -28.73 -4.33 15.04
N GLU A 2 -28.29 -3.45 14.17
CA GLU A 2 -28.55 -3.58 12.73
C GLU A 2 -27.24 -3.45 11.97
N ILE A 3 -27.07 -4.28 10.95
CA ILE A 3 -26.03 -4.10 9.95
C ILE A 3 -26.64 -3.43 8.74
N LYS A 4 -26.04 -2.32 8.30
CA LYS A 4 -26.44 -1.68 7.03
C LYS A 4 -25.26 -0.83 6.50
N GLU A 5 -25.39 -0.34 5.27
CA GLU A 5 -24.36 0.48 4.64
C GLU A 5 -24.14 1.79 5.37
N THR A 6 -22.89 2.24 5.42
CA THR A 6 -22.60 3.58 5.91
C THR A 6 -21.43 4.24 5.21
N TYR A 7 -21.62 5.50 4.85
CA TYR A 7 -20.56 6.30 4.23
C TYR A 7 -20.34 7.53 5.10
N ASP A 8 -20.60 7.36 6.39
CA ASP A 8 -20.32 8.42 7.33
C ASP A 8 -18.80 8.33 7.74
N PHE A 9 -17.98 8.98 6.93
CA PHE A 9 -16.55 8.74 6.95
C PHE A 9 -16.02 9.26 8.26
N SER A 10 -16.55 10.35 8.78
CA SER A 10 -15.93 10.82 10.00
C SER A 10 -16.26 9.95 11.23
N SER A 11 -17.42 9.31 11.27
CA SER A 11 -17.68 8.30 12.32
C SER A 11 -16.80 7.06 12.19
N ILE A 12 -16.57 6.66 10.94
CA ILE A 12 -15.68 5.52 10.69
C ILE A 12 -14.24 5.79 11.18
N VAL A 13 -13.72 6.93 10.75
CA VAL A 13 -12.39 7.38 11.12
C VAL A 13 -12.27 7.54 12.61
N ASP A 14 -13.28 8.10 13.25
CA ASP A 14 -13.29 8.18 14.71
C ASP A 14 -13.20 6.83 15.39
N LEU A 15 -14.00 5.89 14.92
CA LEU A 15 -13.97 4.57 15.45
C LEU A 15 -12.61 3.90 15.17
N TRP A 16 -12.11 4.04 13.96
CA TRP A 16 -10.73 3.58 13.60
C TRP A 16 -9.66 4.07 14.61
N ASN A 17 -9.67 5.38 14.90
CA ASN A 17 -8.65 5.98 15.75
C ASN A 17 -8.76 5.60 17.21
N LYS A 18 -9.99 5.46 17.68
CA LYS A 18 -10.21 5.09 19.05
C LYS A 18 -9.65 3.67 19.26
N ASN A 19 -9.81 2.81 18.26
CA ASN A 19 -9.49 1.40 18.43
C ASN A 19 -8.04 1.06 18.09
N ILE A 20 -7.56 1.55 16.96
CA ILE A 20 -6.19 1.24 16.55
C ILE A 20 -5.31 2.43 16.18
N GLY A 21 -5.72 3.63 16.55
CA GLY A 21 -5.03 4.84 16.16
C GLY A 21 -3.62 5.04 16.67
N THR A 22 -3.27 4.36 17.78
CA THR A 22 -1.93 4.41 18.34
CA THR A 22 -1.94 4.46 18.33
C THR A 22 -0.89 3.93 17.33
N VAL A 23 -1.26 2.90 16.56
CA VAL A 23 -0.33 2.25 15.67
C VAL A 23 -0.70 2.45 14.20
N TYR A 24 -1.96 2.75 13.89
CA TYR A 24 -2.38 3.04 12.51
C TYR A 24 -3.22 4.33 12.55
N PRO A 25 -2.53 5.47 12.81
CA PRO A 25 -3.32 6.69 12.91
C PRO A 25 -3.96 7.08 11.56
N MET A 26 -5.28 7.18 11.50
CA MET A 26 -6.00 7.55 10.30
C MET A 26 -6.38 9.05 10.32
N ASN A 27 -6.44 9.69 9.15
CA ASN A 27 -7.02 11.01 9.00
C ASN A 27 -8.04 10.87 7.87
N LEU A 28 -8.96 11.82 7.86
CA LEU A 28 -10.07 11.77 6.90
C LEU A 28 -9.59 11.97 5.46
N GLU A 29 -8.57 12.78 5.27
CA GLU A 29 -7.99 12.99 3.93
C GLU A 29 -7.55 11.66 3.32
N LEU A 30 -6.77 10.89 4.07
CA LEU A 30 -6.31 9.58 3.54
C LEU A 30 -7.51 8.60 3.36
N PHE A 31 -8.37 8.52 4.37
CA PHE A 31 -9.51 7.62 4.33
C PHE A 31 -10.38 7.84 3.07
N LYS A 32 -10.76 9.09 2.84
CA LYS A 32 -11.55 9.45 1.66
C LYS A 32 -10.83 9.32 0.33
N GLN A 33 -9.55 9.69 0.30
CA GLN A 33 -8.77 9.50 -0.89
C GLN A 33 -8.84 8.01 -1.33
N ASN A 34 -8.49 7.12 -0.41
CA ASN A 34 -8.38 5.70 -0.75
C ASN A 34 -9.75 5.08 -0.96
N TYR A 35 -10.75 5.40 -0.14
CA TYR A 35 -12.07 4.79 -0.42
C TYR A 35 -12.72 5.35 -1.71
N ILE A 36 -12.79 6.67 -1.84
CA ILE A 36 -13.58 7.29 -2.92
C ILE A 36 -12.95 6.99 -4.30
N ASN A 37 -11.63 7.01 -4.43
CA ASN A 37 -11.01 6.89 -5.72
C ASN A 37 -10.87 5.47 -6.24
N ASP A 38 -11.12 4.49 -5.39
CA ASP A 38 -11.00 3.12 -5.78
C ASP A 38 -12.05 2.83 -6.87
N ARG A 39 -11.64 2.02 -7.83
CA ARG A 39 -12.41 1.72 -9.02
C ARG A 39 -13.04 0.35 -8.98
N GLN A 40 -12.82 -0.42 -7.92
CA GLN A 40 -13.37 -1.75 -7.80
C GLN A 40 -14.82 -1.63 -7.33
N ARG A 41 -15.60 -2.69 -7.49
CA ARG A 41 -16.91 -2.80 -6.86
C ARG A 41 -16.61 -2.79 -5.36
N LYS A 42 -17.22 -1.92 -4.56
CA LYS A 42 -16.77 -1.71 -3.16
C LYS A 42 -17.97 -1.35 -2.31
N LYS A 43 -17.90 -1.63 -1.03
CA LYS A 43 -18.98 -1.28 -0.11
C LYS A 43 -18.41 -1.16 1.26
N ILE A 44 -19.06 -0.35 2.11
CA ILE A 44 -18.85 -0.34 3.55
C ILE A 44 -20.13 -0.71 4.26
N MET A 45 -20.03 -1.77 5.08
CA MET A 45 -21.11 -2.17 5.98
C MET A 45 -20.78 -1.87 7.43
N GLY A 46 -21.71 -1.25 8.15
CA GLY A 46 -21.55 -0.89 9.54
C GLY A 46 -22.55 -1.65 10.37
N ALA A 47 -22.20 -1.78 11.64
CA ALA A 47 -23.07 -2.30 12.67
C ALA A 47 -23.45 -1.11 13.54
N PHE A 48 -24.73 -1.03 13.88
CA PHE A 48 -25.30 0.11 14.56
C PHE A 48 -26.16 -0.34 15.75
N ASN A 49 -26.04 0.37 16.86
CA ASN A 49 -27.01 0.33 17.95
C ASN A 49 -27.75 1.62 17.85
N GLY A 50 -28.90 1.60 17.18
CA GLY A 50 -29.64 2.80 16.89
C GLY A 50 -28.80 3.66 16.00
N GLU A 51 -28.49 4.85 16.45
CA GLU A 51 -27.69 5.76 15.67
C GLU A 51 -26.17 5.63 15.85
N ILE A 52 -25.74 4.77 16.75
CA ILE A 52 -24.33 4.69 17.14
C ILE A 52 -23.62 3.63 16.29
N LEU A 53 -22.62 4.05 15.52
CA LEU A 53 -21.75 3.10 14.83
C LEU A 53 -20.88 2.34 15.82
N ILE A 54 -21.00 1.02 15.83
CA ILE A 54 -20.17 0.19 16.72
C ILE A 54 -19.18 -0.78 16.03
N GLY A 55 -19.19 -0.84 14.70
CA GLY A 55 -18.23 -1.67 13.94
C GLY A 55 -18.45 -1.44 12.44
N PHE A 56 -17.47 -1.85 11.61
CA PHE A 56 -17.57 -1.74 10.18
C PHE A 56 -16.67 -2.74 9.46
N VAL A 57 -16.99 -2.99 8.21
CA VAL A 57 -16.13 -3.73 7.31
C VAL A 57 -16.21 -3.06 5.94
N ILE A 58 -15.05 -3.02 5.27
CA ILE A 58 -14.89 -2.48 3.95
C ILE A 58 -14.43 -3.58 3.04
N TYR A 59 -15.12 -3.77 1.91
CA TYR A 59 -14.80 -4.92 1.08
C TYR A 59 -15.04 -4.63 -0.41
N LYS A 60 -14.34 -5.39 -1.24
CA LYS A 60 -14.19 -5.10 -2.64
C LYS A 60 -14.15 -6.40 -3.43
N GLN A 61 -14.62 -6.33 -4.68
CA GLN A 61 -14.40 -7.39 -5.64
C GLN A 61 -13.54 -6.84 -6.79
N TRP A 62 -12.61 -7.68 -7.29
CA TRP A 62 -11.73 -7.29 -8.40
C TRP A 62 -12.52 -7.24 -9.74
N THR A 63 -13.00 -6.05 -10.06
CA THR A 63 -13.79 -5.83 -11.25
C THR A 63 -13.19 -4.85 -12.25
N TYR A 64 -12.12 -4.16 -11.88
CA TYR A 64 -11.50 -3.19 -12.74
C TYR A 64 -10.05 -3.61 -13.06
N LYS A 65 -9.61 -3.36 -14.30
CA LYS A 65 -8.27 -3.81 -14.74
C LYS A 65 -7.13 -3.25 -13.85
N SER A 66 -6.03 -4.00 -13.78
CA SER A 66 -4.77 -3.49 -13.21
CA SER A 66 -4.78 -3.52 -13.22
C SER A 66 -3.69 -3.51 -14.31
N GLY A 67 -3.59 -2.41 -15.05
CA GLY A 67 -2.62 -2.27 -16.15
C GLY A 67 -3.04 -3.23 -17.25
N SER A 68 -2.11 -4.08 -17.67
CA SER A 68 -2.40 -5.11 -18.65
C SER A 68 -3.14 -6.31 -18.08
N LEU A 69 -3.08 -6.55 -16.77
CA LEU A 69 -3.88 -7.56 -16.13
C LEU A 69 -5.39 -7.33 -16.18
N LYS A 70 -6.12 -8.33 -16.66
CA LYS A 70 -7.60 -8.30 -16.64
C LYS A 70 -8.15 -8.44 -15.18
N PRO A 71 -9.27 -7.77 -14.83
CA PRO A 71 -9.84 -8.07 -13.50
C PRO A 71 -10.30 -9.52 -13.40
N ASN A 72 -9.97 -10.17 -12.29
CA ASN A 72 -10.43 -11.52 -12.00
C ASN A 72 -11.52 -11.46 -10.94
N HIS A 73 -12.77 -11.59 -11.39
CA HIS A 73 -13.95 -11.49 -10.55
C HIS A 73 -14.03 -12.54 -9.42
N LYS A 74 -13.24 -13.61 -9.56
CA LYS A 74 -13.13 -14.60 -8.49
C LYS A 74 -12.47 -14.10 -7.19
N ILE A 75 -11.81 -12.95 -7.26
CA ILE A 75 -11.02 -12.43 -6.13
C ILE A 75 -11.81 -11.28 -5.45
N GLY A 76 -12.00 -11.41 -4.16
CA GLY A 76 -12.52 -10.41 -3.28
C GLY A 76 -11.56 -10.10 -2.14
N TYR A 77 -11.78 -8.96 -1.54
CA TYR A 77 -10.86 -8.41 -0.54
C TYR A 77 -11.60 -7.87 0.67
N ILE A 78 -11.04 -8.18 1.82
CA ILE A 78 -11.42 -7.50 3.03
C ILE A 78 -10.39 -6.39 3.26
N ASN A 79 -10.77 -5.17 2.96
CA ASN A 79 -9.87 -4.00 3.06
C ASN A 79 -9.56 -3.75 4.57
N SER A 80 -10.59 -3.74 5.40
CA SER A 80 -10.45 -3.61 6.81
C SER A 80 -11.72 -4.08 7.49
N ILE A 81 -11.57 -4.42 8.75
CA ILE A 81 -12.70 -4.69 9.63
C ILE A 81 -12.34 -4.33 11.06
N ILE A 82 -13.17 -3.53 11.74
CA ILE A 82 -12.96 -3.23 13.13
C ILE A 82 -14.34 -3.23 13.84
N VAL A 83 -14.37 -3.90 15.00
CA VAL A 83 -15.41 -3.74 16.01
C VAL A 83 -14.91 -2.93 17.17
N ASP A 84 -15.74 -2.01 17.65
CA ASP A 84 -15.33 -1.18 18.78
C ASP A 84 -15.04 -2.07 19.98
N ILE A 85 -14.00 -1.68 20.69
CA ILE A 85 -13.45 -2.39 21.88
C ILE A 85 -14.46 -2.71 22.99
N ASN A 86 -15.50 -1.87 23.15
CA ASN A 86 -16.56 -2.08 24.14
C ASN A 86 -17.69 -3.01 23.67
N PHE A 87 -17.59 -3.58 22.48
CA PHE A 87 -18.60 -4.47 21.90
C PHE A 87 -18.02 -5.73 21.33
N ARG A 88 -16.86 -6.13 21.83
CA ARG A 88 -16.15 -7.32 21.30
C ARG A 88 -16.74 -8.59 21.85
N HIS A 89 -16.48 -9.69 21.15
CA HIS A 89 -16.92 -10.97 21.56
C HIS A 89 -18.42 -11.01 21.78
N GLN A 90 -19.17 -10.34 20.91
CA GLN A 90 -20.63 -10.44 20.87
C GLN A 90 -21.14 -10.97 19.51
N GLY A 91 -20.21 -11.41 18.65
CA GLY A 91 -20.56 -11.92 17.34
C GLY A 91 -20.69 -10.84 16.28
N ILE A 92 -20.33 -9.60 16.59
CA ILE A 92 -20.59 -8.53 15.63
C ILE A 92 -19.61 -8.68 14.44
N GLY A 93 -18.36 -9.03 14.72
CA GLY A 93 -17.38 -9.24 13.66
C GLY A 93 -17.81 -10.36 12.72
N THR A 94 -18.29 -11.44 13.32
CA THR A 94 -18.84 -12.54 12.56
C THR A 94 -20.00 -12.12 11.61
N LYS A 95 -20.94 -11.35 12.12
CA LYS A 95 -22.08 -10.85 11.32
C LYS A 95 -21.64 -9.94 10.20
N LEU A 96 -20.74 -9.00 10.47
CA LEU A 96 -20.17 -8.13 9.46
C LEU A 96 -19.46 -8.89 8.34
N LEU A 97 -18.60 -9.85 8.70
CA LEU A 97 -17.87 -10.62 7.69
C LEU A 97 -18.74 -11.63 6.98
N ASP A 98 -19.72 -12.18 7.67
CA ASP A 98 -20.73 -13.03 7.00
C ASP A 98 -21.44 -12.24 5.91
N ALA A 99 -21.87 -11.02 6.23
CA ALA A 99 -22.53 -10.18 5.21
C ALA A 99 -21.62 -9.84 4.04
N ALA A 100 -20.38 -9.49 4.31
CA ALA A 100 -19.42 -9.16 3.24
C ALA A 100 -19.19 -10.38 2.37
N GLU A 101 -18.84 -11.48 3.03
CA GLU A 101 -18.50 -12.65 2.29
C GLU A 101 -19.67 -13.20 1.45
N GLU A 102 -20.87 -13.16 2.01
CA GLU A 102 -22.05 -13.72 1.30
C GLU A 102 -22.35 -12.88 0.05
N GLU A 103 -22.25 -11.57 0.17
CA GLU A 103 -22.38 -10.75 -0.99
C GLU A 103 -21.34 -11.07 -2.06
N LEU A 104 -20.07 -11.07 -1.67
CA LEU A 104 -18.98 -11.38 -2.61
C LEU A 104 -19.18 -12.72 -3.31
N ILE A 105 -19.42 -13.74 -2.50
CA ILE A 105 -19.65 -15.09 -2.98
C ILE A 105 -20.78 -15.14 -4.02
N ASN A 106 -21.88 -14.44 -3.77
CA ASN A 106 -23.02 -14.46 -4.71
C ASN A 106 -22.64 -13.80 -6.03
N SER A 107 -21.70 -12.87 -5.94
CA SER A 107 -21.17 -12.15 -7.08
C SER A 107 -20.01 -12.86 -7.73
N GLY A 108 -19.69 -14.06 -7.25
CA GLY A 108 -18.76 -14.93 -7.98
C GLY A 108 -17.38 -15.08 -7.37
N VAL A 109 -17.16 -14.47 -6.19
CA VAL A 109 -15.84 -14.58 -5.55
C VAL A 109 -15.65 -16.01 -5.06
N LYS A 110 -14.47 -16.57 -5.32
CA LYS A 110 -14.00 -17.85 -4.78
C LYS A 110 -12.73 -17.74 -3.92
N ILE A 111 -12.04 -16.60 -3.97
CA ILE A 111 -10.83 -16.41 -3.20
C ILE A 111 -10.95 -15.09 -2.43
N LEU A 112 -10.87 -15.16 -1.11
CA LEU A 112 -10.99 -13.95 -0.31
C LEU A 112 -9.66 -13.57 0.35
N ARG A 113 -9.19 -12.35 0.11
CA ARG A 113 -7.90 -11.85 0.66
C ARG A 113 -8.01 -10.82 1.81
N CYS A 114 -7.15 -10.96 2.82
CA CYS A 114 -7.06 -9.98 3.86
C CYS A 114 -6.11 -8.92 3.39
N GLY A 115 -6.65 -7.71 3.23
CA GLY A 115 -5.93 -6.56 2.67
C GLY A 115 -5.31 -6.92 1.31
N SER A 116 -4.25 -6.18 0.92
CA SER A 116 -3.62 -6.26 -0.40
C SER A 116 -4.42 -5.68 -1.58
N ASP A 117 -5.60 -5.12 -1.32
CA ASP A 117 -6.44 -4.54 -2.34
C ASP A 117 -5.77 -3.34 -2.97
N THR A 118 -6.29 -2.89 -4.13
CA THR A 118 -5.97 -1.56 -4.62
C THR A 118 -6.41 -0.53 -3.59
N TYR A 119 -5.66 0.55 -3.40
CA TYR A 119 -5.91 1.57 -2.41
C TYR A 119 -6.11 0.94 -1.02
N HIS A 120 -5.33 -0.08 -0.76
CA HIS A 120 -5.35 -0.75 0.52
C HIS A 120 -5.01 0.21 1.64
N PHE A 121 -5.27 -0.25 2.85
CA PHE A 121 -4.62 0.29 4.04
C PHE A 121 -3.53 -0.68 4.59
N PHE A 122 -3.67 -1.98 4.33
CA PHE A 122 -2.78 -2.96 4.89
C PHE A 122 -2.36 -3.96 3.78
N PRO A 123 -1.08 -4.27 3.69
CA PRO A 123 -0.68 -5.40 2.76
C PRO A 123 -1.21 -6.78 3.18
N GLY A 124 -1.51 -6.90 4.46
CA GLY A 124 -2.03 -8.15 5.04
C GLY A 124 -2.51 -7.91 6.46
N ILE A 125 -2.69 -8.96 7.23
CA ILE A 125 -3.06 -8.76 8.67
C ILE A 125 -1.89 -8.19 9.45
N PRO A 126 -2.00 -6.95 9.95
CA PRO A 126 -0.90 -6.34 10.67
C PRO A 126 -0.53 -7.14 11.93
N LEU A 127 0.74 -7.12 12.24
CA LEU A 127 1.20 -7.74 13.50
C LEU A 127 0.55 -7.15 14.73
N GLU A 128 0.26 -5.86 14.69
CA GLU A 128 -0.44 -5.23 15.77
C GLU A 128 -1.85 -5.81 15.93
N CYS A 129 -2.39 -6.40 14.86
CA CYS A 129 -3.65 -7.17 14.90
C CYS A 129 -3.48 -8.65 14.87
N LEU A 130 -2.36 -9.12 15.41
CA LEU A 130 -2.08 -10.53 15.49
C LEU A 130 -3.23 -11.36 16.12
N PRO A 131 -3.91 -10.84 17.15
CA PRO A 131 -4.97 -11.69 17.72
C PRO A 131 -6.15 -11.94 16.74
N SER A 132 -6.38 -11.05 15.78
CA SER A 132 -7.39 -11.28 14.78
C SER A 132 -7.00 -12.45 13.87
N GLU A 133 -5.73 -12.89 13.82
CA GLU A 133 -5.45 -14.06 12.98
C GLU A 133 -6.37 -15.26 13.35
N GLU A 134 -6.60 -15.46 14.65
CA GLU A 134 -7.51 -16.52 15.11
C GLU A 134 -8.98 -16.33 14.69
N PHE A 135 -9.42 -15.08 14.74
CA PHE A 135 -10.72 -14.71 14.19
C PHE A 135 -10.83 -15.14 12.71
N PHE A 136 -9.79 -14.87 11.92
CA PHE A 136 -9.81 -15.23 10.50
C PHE A 136 -9.66 -16.75 10.29
N LEU A 137 -8.80 -17.40 11.10
CA LEU A 137 -8.63 -18.83 11.07
C LEU A 137 -9.91 -19.60 11.32
N VAL A 138 -10.66 -19.18 12.34
CA VAL A 138 -11.99 -19.75 12.63
C VAL A 138 -12.90 -19.68 11.41
N ARG A 139 -12.76 -18.67 10.56
CA ARG A 139 -13.62 -18.55 9.35
C ARG A 139 -13.11 -19.23 8.11
N GLY A 140 -11.96 -19.87 8.21
CA GLY A 140 -11.43 -20.64 7.12
C GLY A 140 -10.36 -19.95 6.33
N TYR A 141 -9.86 -18.80 6.77
CA TYR A 141 -8.67 -18.21 6.20
C TYR A 141 -7.44 -19.00 6.62
N LYS A 142 -6.49 -19.11 5.70
CA LYS A 142 -5.20 -19.71 5.99
C LYS A 142 -4.13 -18.64 6.06
N MET A 143 -3.27 -18.76 7.07
CA MET A 143 -2.19 -17.79 7.27
C MET A 143 -0.97 -18.14 6.42
N GLN A 144 -0.35 -17.17 5.75
CA GLN A 144 0.75 -17.43 4.86
C GLN A 144 1.96 -16.64 5.34
N ASP A 145 2.75 -16.08 4.46
CA ASP A 145 3.98 -15.48 4.96
C ASP A 145 3.82 -13.96 5.18
N TYR A 146 4.92 -13.24 5.41
CA TYR A 146 4.88 -11.86 5.90
C TYR A 146 5.47 -10.93 4.88
N PHE A 147 4.99 -9.71 4.94
CA PHE A 147 5.60 -8.59 4.27
C PHE A 147 5.93 -7.56 5.32
N TYR A 148 6.76 -6.55 4.99
CA TYR A 148 7.29 -5.62 6.00
C TYR A 148 7.35 -4.19 5.46
N ASP A 149 6.94 -3.26 6.30
CA ASP A 149 7.29 -1.83 6.02
C ASP A 149 8.62 -1.63 6.67
N LEU A 150 9.52 -0.90 6.04
CA LEU A 150 10.84 -0.59 6.60
C LEU A 150 10.93 0.90 6.94
N ILE A 151 11.72 1.28 7.92
CA ILE A 151 11.88 2.67 8.34
C ILE A 151 13.37 2.99 8.51
N GLY A 152 13.70 4.24 8.23
CA GLY A 152 15.09 4.72 8.37
C GLY A 152 15.03 6.25 8.44
N ASP A 153 16.09 6.88 8.98
CA ASP A 153 16.15 8.34 9.08
C ASP A 153 17.36 8.71 8.20
N VAL A 154 17.04 9.21 7.02
CA VAL A 154 18.02 9.42 5.99
C VAL A 154 18.94 10.63 6.31
N SER A 155 18.51 11.49 7.23
CA SER A 155 19.35 12.58 7.71
C SER A 155 20.55 12.12 8.55
N LYS A 156 20.56 10.89 9.07
CA LYS A 156 21.58 10.47 10.05
C LYS A 156 22.77 9.73 9.49
N VAL A 157 22.78 9.44 8.19
CA VAL A 157 23.86 8.63 7.61
C VAL A 157 24.32 9.21 6.28
N ASP A 158 25.61 9.04 5.98
CA ASP A 158 26.19 9.49 4.71
C ASP A 158 26.49 8.19 3.97
N PHE A 159 26.08 8.18 2.72
CA PHE A 159 26.45 7.03 1.92
CA PHE A 159 26.18 7.09 1.78
C PHE A 159 27.28 7.41 0.75
N LYS A 160 28.00 6.41 0.29
CA LYS A 160 29.02 6.49 -0.74
C LYS A 160 28.35 6.12 -2.04
N LYS A 161 28.65 6.88 -3.09
CA LYS A 161 28.06 6.66 -4.39
C LYS A 161 28.60 5.32 -4.89
N PRO A 162 27.72 4.36 -5.27
CA PRO A 162 28.18 3.14 -5.96
C PRO A 162 28.84 3.46 -7.30
N SER A 163 29.77 2.60 -7.72
CA SER A 163 30.68 2.88 -8.84
C SER A 163 30.00 2.79 -10.19
N ILE A 164 30.05 3.91 -10.90
CA ILE A 164 29.16 4.16 -12.03
C ILE A 164 29.72 3.74 -13.39
N LYS A 165 29.14 2.68 -13.96
CA LYS A 165 29.37 2.29 -15.35
C LYS A 165 28.70 3.33 -16.22
N ASP A 166 29.21 3.47 -17.44
CA ASP A 166 28.93 4.63 -18.25
C ASP A 166 27.70 4.42 -19.12
N GLY A 167 27.06 5.52 -19.49
CA GLY A 167 25.83 5.46 -20.27
C GLY A 167 24.58 5.56 -19.39
N PHE A 168 24.70 5.25 -18.09
CA PHE A 168 23.52 5.24 -17.19
C PHE A 168 23.36 6.52 -16.39
N LYS A 169 22.16 7.11 -16.41
CA LYS A 169 21.91 8.38 -15.75
C LYS A 169 20.62 8.33 -14.94
N VAL A 170 20.68 8.83 -13.72
CA VAL A 170 19.52 8.92 -12.83
C VAL A 170 19.09 10.36 -12.66
N ASN A 171 17.83 10.67 -13.01
CA ASN A 171 17.25 12.01 -12.85
C ASN A 171 15.76 11.99 -12.52
N VAL A 172 15.31 12.99 -11.77
CA VAL A 172 13.89 13.19 -11.52
C VAL A 172 13.21 13.31 -12.89
N MET A 173 12.01 12.76 -13.02
CA MET A 173 11.22 12.76 -14.26
C MET A 173 10.84 14.18 -14.71
N LYS A 174 10.81 14.39 -16.02
CA LYS A 174 10.26 15.59 -16.67
C LYS A 174 8.96 15.24 -17.42
N PRO A 175 8.09 16.24 -17.68
CA PRO A 175 6.80 15.94 -18.34
C PRO A 175 6.98 15.17 -19.62
N GLU A 176 8.00 15.53 -20.39
CA GLU A 176 8.21 14.89 -21.70
C GLU A 176 8.73 13.45 -21.60
N ASP A 177 8.98 12.96 -20.38
CA ASP A 177 9.44 11.59 -20.16
C ASP A 177 8.29 10.63 -20.04
N ARG A 178 7.05 11.14 -19.95
CA ARG A 178 5.92 10.28 -19.68
C ARG A 178 5.70 9.17 -20.72
N LYS A 179 5.81 9.55 -22.00
CA LYS A 179 5.74 8.54 -23.04
C LYS A 179 6.73 7.40 -22.78
N GLY A 180 7.98 7.74 -22.56
CA GLY A 180 9.00 6.70 -22.42
C GLY A 180 8.78 5.83 -21.18
N LEU A 181 8.32 6.48 -20.09
CA LEU A 181 8.04 5.81 -18.84
C LEU A 181 6.95 4.75 -19.01
N PHE A 182 5.87 5.12 -19.70
CA PHE A 182 4.77 4.21 -19.98
C PHE A 182 5.16 3.05 -20.89
N GLU A 183 5.95 3.34 -21.91
CA GLU A 183 6.54 2.24 -22.70
C GLU A 183 7.39 1.30 -21.84
N PHE A 184 8.24 1.83 -21.01
CA PHE A 184 8.97 0.98 -20.09
C PHE A 184 8.06 0.13 -19.18
N LEU A 185 7.04 0.74 -18.60
CA LEU A 185 6.13 0.02 -17.71
C LEU A 185 5.36 -1.05 -18.45
N GLU A 186 4.88 -0.75 -19.66
CA GLU A 186 4.21 -1.78 -20.43
C GLU A 186 5.08 -2.98 -20.75
N LYS A 187 6.38 -2.75 -20.90
CA LYS A 187 7.35 -3.82 -21.07
C LYS A 187 7.70 -4.62 -19.82
N SER A 188 8.04 -3.92 -18.75
CA SER A 188 8.64 -4.53 -17.57
C SER A 188 7.76 -4.67 -16.33
N PHE A 189 6.78 -3.79 -16.16
CA PHE A 189 5.96 -3.82 -14.96
C PHE A 189 4.53 -3.46 -15.32
N SER A 190 3.87 -4.38 -16.02
CA SER A 190 2.70 -3.96 -16.77
C SER A 190 1.40 -4.18 -16.01
N GLY A 191 1.51 -4.72 -14.78
CA GLY A 191 0.36 -4.93 -13.90
C GLY A 191 0.05 -3.79 -12.96
N ARG A 192 0.03 -4.08 -11.67
CA ARG A 192 -0.42 -3.12 -10.68
C ARG A 192 0.39 -1.78 -10.71
N TRP A 193 1.68 -1.85 -10.97
CA TRP A 193 2.50 -0.66 -10.90
C TRP A 193 2.19 0.27 -12.08
N LEU A 194 1.93 -0.31 -13.25
CA LEU A 194 1.46 0.43 -14.40
C LEU A 194 0.15 1.15 -14.04
N GLU A 195 -0.79 0.42 -13.42
CA GLU A 195 -2.04 1.01 -13.07
C GLU A 195 -1.93 2.05 -12.00
N GLU A 196 -1.02 1.86 -11.04
CA GLU A 196 -0.78 2.89 -10.03
C GLU A 196 -0.29 4.18 -10.70
N PHE A 197 0.61 4.04 -11.66
CA PHE A 197 1.09 5.25 -12.34
C PHE A 197 -0.03 6.08 -13.01
N ILE A 198 -0.92 5.37 -13.71
CA ILE A 198 -2.12 5.91 -14.37
C ILE A 198 -2.94 6.58 -13.31
N GLU A 199 -3.25 5.89 -12.20
CA GLU A 199 -4.19 6.43 -11.20
C GLU A 199 -3.57 7.55 -10.41
N PHE A 200 -2.34 7.35 -9.95
CA PHE A 200 -1.69 8.32 -9.11
C PHE A 200 -1.49 9.66 -9.87
N PHE A 201 -1.19 9.59 -11.16
CA PHE A 201 -1.09 10.81 -11.92
C PHE A 201 -2.47 11.51 -11.97
N GLN A 202 -3.57 10.76 -11.95
CA GLN A 202 -4.89 11.36 -11.92
C GLN A 202 -5.27 11.98 -10.57
N VAL A 203 -4.68 11.52 -9.48
CA VAL A 203 -5.07 12.01 -8.16
C VAL A 203 -4.01 12.89 -7.52
N GLY A 204 -3.13 13.50 -8.30
CA GLY A 204 -2.17 14.45 -7.73
C GLY A 204 -0.67 14.14 -7.65
N MET A 205 -0.22 12.93 -7.96
CA MET A 205 1.24 12.74 -8.13
C MET A 205 1.82 13.66 -9.20
N LYS A 206 2.99 14.22 -8.92
CA LYS A 206 3.69 15.17 -9.79
C LYS A 206 4.97 14.50 -10.28
N GLU A 207 5.51 14.97 -11.40
CA GLU A 207 6.78 14.50 -11.95
C GLU A 207 7.92 14.50 -10.91
N ARG A 208 7.93 15.47 -10.00
CA ARG A 208 8.99 15.53 -8.96
C ARG A 208 9.05 14.30 -8.03
N ASP A 209 7.96 13.54 -7.99
CA ASP A 209 7.86 12.34 -7.15
C ASP A 209 8.42 11.07 -7.82
N ILE A 210 8.90 11.17 -9.05
CA ILE A 210 9.32 10.00 -9.80
C ILE A 210 10.76 10.22 -10.22
N VAL A 211 11.60 9.20 -10.04
CA VAL A 211 13.00 9.21 -10.39
C VAL A 211 13.13 8.15 -11.46
N LEU A 212 13.85 8.46 -12.53
CA LEU A 212 14.08 7.52 -13.64
C LEU A 212 15.57 7.27 -13.84
N ILE A 213 15.88 6.02 -14.14
CA ILE A 213 17.21 5.64 -14.61
C ILE A 213 17.14 5.28 -16.10
N LYS A 214 18.06 5.89 -16.87
CA LYS A 214 18.06 5.75 -18.33
C LYS A 214 19.44 5.23 -18.75
N TYR A 215 19.45 4.41 -19.79
CA TYR A 215 20.66 4.00 -20.50
C TYR A 215 20.51 4.62 -21.86
N LYS A 216 21.42 5.54 -22.15
CA LYS A 216 21.35 6.43 -23.31
C LYS A 216 20.05 7.16 -23.14
N THR A 217 19.15 7.08 -24.10
CA THR A 217 17.90 7.76 -23.87
C THR A 217 16.79 6.85 -23.37
N SER A 218 17.06 5.56 -23.21
CA SER A 218 15.98 4.62 -22.91
C SER A 218 15.74 4.51 -21.39
N VAL A 219 14.47 4.66 -20.97
CA VAL A 219 14.08 4.41 -19.58
C VAL A 219 14.27 2.92 -19.25
N ILE A 220 15.14 2.61 -18.30
CA ILE A 220 15.34 1.26 -17.84
C ILE A 220 14.92 0.96 -16.39
N GLY A 221 14.44 1.94 -15.64
CA GLY A 221 13.87 1.71 -14.30
C GLY A 221 13.35 3.00 -13.70
N PHE A 222 12.68 2.87 -12.54
CA PHE A 222 12.07 3.97 -11.84
C PHE A 222 12.03 3.73 -10.31
N SER A 223 11.90 4.82 -9.56
CA SER A 223 11.41 4.77 -8.20
C SER A 223 10.32 5.87 -8.01
N HIS A 224 9.48 5.66 -7.02
CA HIS A 224 8.51 6.70 -6.56
C HIS A 224 9.01 7.17 -5.20
N ILE A 225 9.23 8.48 -5.05
CA ILE A 225 9.59 9.08 -3.78
C ILE A 225 8.51 10.05 -3.26
N TYR A 226 8.54 10.25 -1.94
CA TYR A 226 7.48 11.03 -1.29
C TYR A 226 8.13 11.90 -0.23
N ASP A 227 7.59 13.12 -0.10
CA ASP A 227 7.97 14.00 0.97
C ASP A 227 6.74 14.80 1.46
N ASN A 228 6.92 15.78 2.30
CA ASN A 228 5.78 16.49 2.86
C ASN A 228 5.16 17.47 1.90
N LYS A 229 5.70 17.58 0.68
CA LYS A 229 5.04 18.28 -0.38
C LYS A 229 4.28 17.45 -1.38
N SER A 230 4.34 16.11 -1.31
CA SER A 230 3.59 15.32 -2.30
C SER A 230 2.10 15.59 -2.15
N SER A 231 1.38 15.65 -3.26
CA SER A 231 -0.07 15.93 -3.23
C SER A 231 -0.91 14.66 -3.16
N PHE A 232 -0.32 13.49 -3.30
CA PHE A 232 -1.03 12.23 -3.26
C PHE A 232 -0.51 11.57 -1.97
N ILE A 233 -1.37 11.07 -1.08
CA ILE A 233 -0.92 10.24 0.06
C ILE A 233 -0.80 8.76 -0.34
N GLY A 234 0.42 8.36 -0.68
CA GLY A 234 0.73 6.97 -1.11
C GLY A 234 1.19 6.10 0.05
N PRO A 235 1.25 4.78 -0.17
CA PRO A 235 1.47 3.85 0.92
C PRO A 235 2.68 4.13 1.82
N PRO A 236 3.84 4.53 1.26
CA PRO A 236 4.95 4.88 2.18
C PRO A 236 4.63 5.91 3.24
N ILE A 237 3.68 6.78 2.95
CA ILE A 237 3.39 7.91 3.88
C ILE A 237 1.98 7.81 4.41
N TYR A 238 1.37 6.63 4.31
CA TYR A 238 0.08 6.47 5.01
C TYR A 238 0.20 6.89 6.49
N TRP A 239 1.24 6.42 7.19
CA TRP A 239 1.36 6.57 8.65
C TRP A 239 2.32 7.69 9.01
N LYS A 240 2.28 8.72 8.17
CA LYS A 240 3.09 9.93 8.35
C LYS A 240 2.90 10.59 9.73
N ALA A 241 1.74 10.42 10.35
CA ALA A 241 1.61 10.93 11.72
C ALA A 241 2.58 10.34 12.72
N LEU A 242 3.16 9.18 12.44
CA LEU A 242 4.18 8.59 13.31
C LEU A 242 5.60 8.99 12.95
N LEU A 243 5.78 9.79 11.90
CA LEU A 243 7.09 9.91 11.29
C LEU A 243 7.71 11.29 11.59
N GLY A 244 6.99 12.17 12.29
CA GLY A 244 7.53 13.48 12.66
C GLY A 244 7.53 14.47 11.53
N HIS A 245 8.25 15.58 11.72
CA HIS A 245 8.33 16.60 10.69
C HIS A 245 9.35 16.13 9.66
N ASN A 246 9.17 16.58 8.43
CA ASN A 246 10.10 16.27 7.34
C ASN A 246 10.07 14.78 7.03
N TYR A 247 8.90 14.17 7.17
CA TYR A 247 8.69 12.76 6.82
C TYR A 247 8.88 12.50 5.33
N GLY A 248 9.13 11.26 4.94
CA GLY A 248 9.09 10.90 3.51
C GLY A 248 8.90 9.42 3.27
N GLY A 249 9.14 8.97 2.04
CA GLY A 249 9.02 7.53 1.72
C GLY A 249 9.52 7.21 0.35
N LEU A 250 9.62 5.91 0.10
CA LEU A 250 10.00 5.42 -1.18
C LEU A 250 9.31 4.08 -1.48
N GLY A 251 8.72 3.99 -2.66
CA GLY A 251 8.26 2.70 -3.19
C GLY A 251 7.09 3.01 -4.07
N PRO A 252 6.97 2.24 -5.15
CA PRO A 252 7.85 1.15 -5.55
C PRO A 252 9.14 1.57 -6.28
N ILE A 253 9.95 0.58 -6.62
CA ILE A 253 11.25 0.75 -7.30
C ILE A 253 11.46 -0.53 -8.15
N GLY A 254 11.89 -0.36 -9.41
CA GLY A 254 12.17 -1.50 -10.28
C GLY A 254 13.12 -1.16 -11.40
N ILE A 255 13.81 -2.20 -11.91
CA ILE A 255 14.75 -2.18 -13.02
C ILE A 255 14.36 -3.28 -14.01
N ASP A 256 14.44 -2.95 -15.30
CA ASP A 256 14.19 -3.87 -16.40
C ASP A 256 14.99 -5.15 -16.12
N LYS A 257 14.35 -6.31 -16.34
CA LYS A 257 14.96 -7.57 -15.95
C LYS A 257 16.32 -7.82 -16.59
N THR A 258 16.52 -7.41 -17.84
CA THR A 258 17.80 -7.60 -18.54
C THR A 258 18.95 -6.77 -17.98
N TYR A 259 18.67 -5.79 -17.11
CA TYR A 259 19.72 -4.97 -16.47
C TYR A 259 19.99 -5.28 -14.98
N ARG A 260 19.34 -6.31 -14.48
CA ARG A 260 19.42 -6.63 -13.06
C ARG A 260 20.76 -7.24 -12.67
N LYS A 261 21.03 -7.24 -11.37
CA LYS A 261 22.27 -7.79 -10.85
C LYS A 261 23.55 -7.16 -11.45
N GLN A 262 23.51 -5.86 -11.73
CA GLN A 262 24.67 -5.09 -12.12
C GLN A 262 24.95 -3.93 -11.22
N GLY A 263 24.22 -3.77 -10.12
CA GLY A 263 24.43 -2.63 -9.26
C GLY A 263 23.59 -1.42 -9.66
N LEU A 264 22.74 -1.57 -10.68
CA LEU A 264 21.93 -0.47 -11.13
C LEU A 264 20.74 -0.17 -10.20
N GLY A 265 20.15 -1.18 -9.59
CA GLY A 265 19.13 -0.94 -8.54
C GLY A 265 19.71 -0.21 -7.36
N ARG A 266 20.91 -0.62 -6.95
CA ARG A 266 21.56 0.03 -5.86
C ARG A 266 21.86 1.50 -6.22
N LEU A 267 22.29 1.78 -7.44
CA LEU A 267 22.53 3.15 -7.87
C LEU A 267 21.22 3.98 -7.83
N LEU A 268 20.14 3.41 -8.34
CA LEU A 268 18.87 4.10 -8.39
C LEU A 268 18.37 4.43 -6.99
N LEU A 269 18.58 3.47 -6.09
CA LEU A 269 18.18 3.66 -4.70
C LEU A 269 19.03 4.73 -4.05
N TYR A 270 20.36 4.62 -4.20
CA TYR A 270 21.27 5.66 -3.73
C TYR A 270 20.84 7.04 -4.23
N GLU A 271 20.62 7.20 -5.53
CA GLU A 271 20.31 8.53 -6.04
C GLU A 271 18.95 9.04 -5.53
N SER A 272 17.99 8.13 -5.46
CA SER A 272 16.64 8.47 -4.93
C SER A 272 16.73 8.98 -3.51
N LEU A 273 17.51 8.31 -2.67
CA LEU A 273 17.67 8.76 -1.29
C LEU A 273 18.43 10.07 -1.24
N GLN A 274 19.42 10.31 -2.11
CA GLN A 274 20.08 11.63 -2.06
C GLN A 274 19.15 12.77 -2.37
N ILE A 275 18.26 12.53 -3.35
CA ILE A 275 17.24 13.54 -3.66
C ILE A 275 16.43 13.83 -2.39
N LEU A 276 16.00 12.79 -1.68
CA LEU A 276 15.19 12.99 -0.44
C LEU A 276 15.96 13.70 0.65
N LYS A 277 17.20 13.30 0.80
CA LYS A 277 18.08 13.85 1.81
C LYS A 277 18.27 15.34 1.51
N LYS A 278 18.50 15.69 0.24
CA LYS A 278 18.56 17.10 -0.18
C LYS A 278 17.27 17.86 0.01
N ARG A 279 16.13 17.19 -0.11
CA ARG A 279 14.83 17.77 0.25
C ARG A 279 14.58 17.88 1.77
N GLU A 280 15.63 17.64 2.55
CA GLU A 280 15.61 17.69 4.02
C GLU A 280 14.69 16.63 4.68
N VAL A 281 14.46 15.51 4.03
CA VAL A 281 13.69 14.41 4.65
C VAL A 281 14.48 13.80 5.80
N LYS A 282 13.76 13.40 6.85
CA LYS A 282 14.35 12.71 8.02
C LYS A 282 13.82 11.26 8.07
N LYS A 283 12.78 10.96 8.85
CA LYS A 283 12.24 9.59 8.88
C LYS A 283 11.43 9.31 7.64
N MET A 284 11.64 8.14 7.05
CA MET A 284 10.89 7.75 5.87
C MET A 284 10.70 6.25 5.86
N VAL A 285 9.71 5.83 5.09
CA VAL A 285 9.27 4.45 5.10
C VAL A 285 9.38 3.89 3.70
N ILE A 286 9.80 2.62 3.64
CA ILE A 286 9.72 1.80 2.45
C ILE A 286 8.67 0.72 2.69
N ASP A 287 7.57 0.76 1.94
CA ASP A 287 6.38 0.01 2.33
C ASP A 287 6.35 -1.36 1.63
N TRP A 288 5.67 -2.33 2.24
CA TRP A 288 5.31 -3.61 1.59
C TRP A 288 6.47 -4.25 0.78
N THR A 289 7.47 -4.66 1.55
CA THR A 289 8.62 -5.45 1.11
C THR A 289 8.57 -6.94 1.47
N GLU A 290 9.26 -7.76 0.68
CA GLU A 290 9.37 -9.18 1.01
C GLU A 290 10.62 -9.38 1.85
N LYS A 291 10.64 -10.46 2.61
CA LYS A 291 11.82 -10.76 3.40
C LYS A 291 13.16 -10.76 2.65
N ASP A 292 13.16 -11.38 1.47
CA ASP A 292 14.37 -11.59 0.67
C ASP A 292 14.95 -10.29 0.15
N ILE A 293 14.20 -9.21 0.13
CA ILE A 293 14.72 -7.93 -0.38
C ILE A 293 15.12 -6.97 0.74
N ILE A 294 14.93 -7.35 1.99
CA ILE A 294 15.14 -6.40 3.10
C ILE A 294 16.58 -5.87 3.12
N ASN A 295 17.54 -6.78 2.90
CA ASN A 295 18.95 -6.43 2.96
C ASN A 295 19.37 -5.41 1.91
N PHE A 296 18.68 -5.37 0.76
CA PHE A 296 18.91 -4.38 -0.30
C PHE A 296 18.71 -2.96 0.25
N TYR A 297 17.64 -2.80 1.03
CA TYR A 297 17.40 -1.51 1.65
C TYR A 297 18.23 -1.35 2.93
N GLY A 298 18.49 -2.46 3.62
CA GLY A 298 19.20 -2.40 4.92
C GLY A 298 20.63 -1.90 4.81
N ARG A 299 21.25 -2.01 3.63
CA ARG A 299 22.58 -1.42 3.39
C ARG A 299 22.53 0.11 3.52
N PHE A 300 21.36 0.68 3.27
CA PHE A 300 21.12 2.08 3.48
C PHE A 300 20.50 2.43 4.82
N ASN A 301 20.61 1.53 5.79
CA ASN A 301 20.20 1.70 7.19
C ASN A 301 18.73 1.56 7.45
N PHE A 302 17.94 1.04 6.51
CA PHE A 302 16.51 0.79 6.75
C PHE A 302 16.35 -0.47 7.61
N MET A 303 15.37 -0.47 8.49
CA MET A 303 15.04 -1.59 9.33
C MET A 303 13.57 -1.91 9.21
N PRO A 304 13.23 -3.20 9.29
CA PRO A 304 11.80 -3.48 9.47
C PRO A 304 11.14 -2.76 10.61
N TRP A 305 9.91 -2.30 10.38
CA TRP A 305 9.17 -1.43 11.28
C TRP A 305 7.81 -2.07 11.61
N LYS A 306 7.06 -2.48 10.58
CA LYS A 306 5.73 -3.11 10.67
C LYS A 306 5.75 -4.38 9.84
N ALA A 307 4.97 -5.37 10.28
CA ALA A 307 4.88 -6.66 9.62
C ALA A 307 3.38 -7.01 9.40
N TYR A 308 3.09 -7.58 8.24
CA TYR A 308 1.75 -7.95 7.86
C TYR A 308 1.76 -9.39 7.39
N ARG A 309 0.74 -10.14 7.83
CA ARG A 309 0.57 -11.52 7.37
C ARG A 309 -0.43 -11.65 6.23
N LYS A 310 0.01 -12.23 5.13
CA LYS A 310 -0.89 -12.62 4.08
C LYS A 310 -1.82 -13.75 4.55
N ALA A 311 -3.09 -13.63 4.20
CA ALA A 311 -4.14 -14.57 4.59
C ALA A 311 -5.25 -14.63 3.53
N THR A 312 -5.69 -15.86 3.24
CA THR A 312 -6.52 -16.21 2.08
C THR A 312 -7.50 -17.28 2.52
N LYS A 313 -8.76 -17.11 2.14
CA LYS A 313 -9.83 -18.08 2.38
C LYS A 313 -10.31 -18.54 1.00
N GLU A 314 -10.27 -19.86 0.77
CA GLU A 314 -10.87 -20.50 -0.42
C GLU A 314 -12.31 -20.90 -0.13
N VAL A 315 -13.23 -20.34 -0.90
CA VAL A 315 -14.65 -20.63 -0.79
C VAL A 315 -14.87 -22.06 -1.27
N LYS A 316 -15.57 -22.85 -0.47
CA LYS A 316 -15.84 -24.27 -0.80
C LYS A 316 -16.95 -24.43 -1.84
N ASP A 317 -16.70 -25.23 -2.88
CA ASP A 317 -17.58 -25.38 -4.05
C ASP A 317 -18.89 -26.15 -3.80
N1A ACO B . -8.40 -14.02 19.87
C2A ACO B . -8.75 -15.24 19.51
N3A ACO B . -9.88 -15.53 18.87
C4A ACO B . -10.73 -14.55 18.55
C5A ACO B . -10.40 -13.17 18.90
C6A ACO B . -9.15 -12.94 19.65
N6A ACO B . -8.80 -11.70 19.99
N7A ACO B . -11.39 -12.42 18.47
C8A ACO B . -12.27 -13.22 17.90
N9A ACO B . -11.88 -14.48 17.91
C1B ACO B . -12.62 -15.66 17.40
C2B ACO B . -13.27 -16.36 18.60
O2B ACO B . -13.48 -17.71 18.33
C3B ACO B . -14.63 -15.75 18.67
O3B ACO B . -15.59 -16.47 19.39
P3B ACO B . -15.69 -16.36 20.95
O7A ACO B . -16.19 -15.13 21.43
O8A ACO B . -16.57 -17.51 21.25
O9A ACO B . -14.42 -16.58 21.51
C4B ACO B . -14.91 -15.61 17.17
O4B ACO B . -13.68 -15.35 16.56
C5B ACO B . -15.98 -14.58 16.92
O5B ACO B . -15.66 -13.33 17.40
P1A ACO B . -16.59 -12.12 17.19
O1A ACO B . -17.19 -11.83 18.42
O2A ACO B . -17.39 -12.27 16.10
O3A ACO B . -15.54 -10.97 16.89
P2A ACO B . -15.54 -9.48 17.25
O4A ACO B . -16.80 -8.92 17.07
O5A ACO B . -15.05 -9.40 18.52
O6A ACO B . -14.50 -8.89 16.24
CBP ACO B . -12.31 -8.32 15.44
CCP ACO B . -13.27 -9.44 15.88
CDP ACO B . -12.99 -7.60 14.30
CEP ACO B . -11.03 -8.94 14.97
CAP ACO B . -12.08 -7.32 16.59
OAP ACO B . -11.35 -8.01 17.55
C9P ACO B . -11.32 -6.06 16.20
O9P ACO B . -11.88 -5.13 15.75
N8P ACO B . -10.05 -6.11 16.47
C7P ACO B . -9.12 -5.06 16.19
C6P ACO B . -9.06 -4.67 14.73
C5P ACO B . -8.46 -5.82 13.94
O5P ACO B . -7.60 -6.48 14.33
N4P ACO B . -9.02 -6.02 12.77
C3P ACO B . -8.52 -6.85 11.70
C2P ACO B . -7.31 -6.30 10.94
S1P ACO B . -6.78 -7.10 9.46
C ACO B . -7.89 -6.64 8.29
O ACO B . -8.74 -5.89 8.54
CH3 ACO B . -7.77 -7.14 6.88
C1 EDO C . -7.13 -3.99 20.72
O1 EDO C . -7.96 -5.10 21.15
C2 EDO C . -7.56 -3.53 19.32
O2 EDO C . -8.60 -2.53 19.46
C1 EDO D . -18.51 -6.02 -3.27
O1 EDO D . -19.40 -7.12 -2.96
C2 EDO D . -19.24 -4.81 -2.80
O2 EDO D . -20.51 -4.66 -3.48
C1 GCS E . 5.50 -3.29 -3.42
C2 GCS E . 6.29 -2.02 -3.17
C3 GCS E . 5.41 -0.92 -2.64
C4 GCS E . 4.03 -0.77 -3.32
C5 GCS E . 3.39 -2.15 -3.44
C6 GCS E . 2.07 -2.28 -4.22
N2 GCS E . 7.37 -2.29 -2.25
O1 GCS E . 6.26 -4.31 -4.06
O3 GCS E . 6.15 0.31 -2.66
O4 GCS E . 3.14 0.11 -2.63
O5 GCS E . 4.30 -3.01 -4.16
O6 GCS E . 2.20 -1.82 -5.58
O2S EP1 F . 3.27 -4.05 -11.93
S EP1 F . 3.58 -5.43 -11.76
O3S EP1 F . 2.38 -6.00 -11.23
O1S EP1 F . 3.96 -6.18 -13.15
C11 EP1 F . 4.93 -5.71 -10.83
C10 EP1 F . 4.45 -6.07 -9.45
C9 EP1 F . 5.69 -6.24 -8.60
N1 EP1 F . 5.33 -6.32 -7.17
C2 EP1 F . 3.89 -6.32 -6.78
C3 EP1 F . 3.70 -6.19 -5.27
N4 EP1 F . 4.59 -7.16 -4.55
C5 EP1 F . 5.94 -7.41 -5.10
C6 EP1 F . 6.08 -7.44 -6.61
C7 EP1 F . 4.58 -6.94 -3.09
C8 EP1 F . 5.72 -7.59 -2.32
O8 EP1 F . 6.73 -6.61 -2.07
O5B COA G . 21.35 -3.22 -8.31
P1A COA G . 21.45 -4.51 -7.54
O1A COA G . 21.89 -4.50 -6.09
O2A COA G . 22.41 -5.51 -8.35
O3A COA G . 20.02 -5.25 -7.62
P2A COA G . 19.14 -5.20 -8.96
O4A COA G . 19.96 -4.48 -10.03
O5A COA G . 18.59 -6.57 -9.23
O6A COA G . 17.92 -4.24 -8.55
CBP COA G . 15.64 -4.41 -7.77
CCP COA G . 17.12 -4.54 -7.41
CDP COA G . 14.78 -4.85 -6.59
CEP COA G . 15.33 -2.96 -8.14
CAP COA G . 15.35 -5.31 -8.97
OAP COA G . 15.67 -6.66 -8.64
C9P COA G . 13.89 -5.20 -9.32
O9P COA G . 13.47 -4.25 -9.96
N8P COA G . 13.11 -6.19 -8.90
C7P COA G . 11.74 -6.31 -9.33
C6P COA G . 10.83 -5.27 -8.66
C5P COA G . 10.91 -5.43 -7.16
O5P COA G . 10.63 -6.49 -6.64
N4P COA G . 11.30 -4.35 -6.48
C3P COA G . 11.33 -4.35 -5.03
C2P COA G . 10.00 -3.93 -4.42
S1P COA G . 10.15 -3.84 -2.63
#